data_7SCE
#
_entry.id   7SCE
#
_cell.length_a   54.421
_cell.length_b   58.997
_cell.length_c   151.045
_cell.angle_alpha   90.000
_cell.angle_beta   90.000
_cell.angle_gamma   90.000
#
_symmetry.space_group_name_H-M   'P 21 21 21'
#
loop_
_entity.id
_entity.type
_entity.pdbx_description
1 polymer 'Thioredoxin 1,Heparan sulfate glucosamine 3-O-sulfotransferase 5'
2 branched '2-deoxy-6-O-sulfo-2-(sulfoamino)-alpha-D-glucopyranose-(1-4)-beta-D-glucopyranuronic acid-(1-4)-2-deoxy-6-O-sulfo-2-(sulfoamino)-alpha-D-glucopyranose-(1-4)-beta-D-glucopyranuronic acid-(1-4)-2-deoxy-6-O-sulfo-2-(sulfoamino)-alpha-D-glucopyranose-(1-4)-2-O-sulfo-alpha-L-idopyranuronic acid'
3 non-polymer "ADENOSINE-3'-5'-DIPHOSPHATE"
4 water water
#
_entity_poly.entity_id   1
_entity_poly.type   'polypeptide(L)'
_entity_poly.pdbx_seq_one_letter_code
;MSDKIIHLTDDSFDTDVLKADGAILVDFWAEWCGPCKMIAPILDEIADEYQGKLTVAKLNIDQNPGTAPKYGIRGIPTLL
LFKNGEVAATKVGALSKGQLKEFLDANLAAALVQQLPKAIIIGVRKGGTRALLEMLNLHPAVVKASQEIHFFDNDENYGK
GIEWYRKKMPFSYPQQITIEKSPAYFITEEVPERIYKMNSSIKLLIIVREPTTRAISDYTQVLEGKERKNKTYYKFEKLA
IDPNTCEVNTKYKAVRTSIYTKHLERWLKYFPIEQFHVVDGDRLITEPLPELQLVEKFLNLPPRISQYNLYFNATRGFYC
LRFNEIFNKCLAGSKGRIHPEVDPSVITKLRKFFHPFNQKFYQITGRTLNWP
;
_entity_poly.pdbx_strand_id   A
#
# COMPACT_ATOMS: atom_id res chain seq x y z
N ASP A 3 0.19 5.38 -19.39
CA ASP A 3 -0.99 6.11 -19.82
C ASP A 3 -2.17 5.82 -18.90
N LYS A 4 -2.76 6.89 -18.36
CA LYS A 4 -3.83 6.74 -17.38
C LYS A 4 -5.12 6.18 -17.97
N ILE A 5 -5.20 6.02 -19.28
CA ILE A 5 -6.40 5.50 -19.93
C ILE A 5 -6.29 4.00 -20.05
N ILE A 6 -7.41 3.31 -19.87
CA ILE A 6 -7.47 1.85 -19.88
C ILE A 6 -8.18 1.42 -21.15
N HIS A 7 -7.51 0.57 -21.94
CA HIS A 7 -8.05 0.09 -23.21
C HIS A 7 -8.72 -1.26 -22.98
N LEU A 8 -10.00 -1.34 -23.30
CA LEU A 8 -10.83 -2.48 -22.96
C LEU A 8 -11.02 -3.44 -24.13
N THR A 9 -11.44 -4.66 -23.81
CA THR A 9 -11.88 -5.63 -24.80
C THR A 9 -13.19 -6.22 -24.32
N ASP A 10 -13.94 -6.83 -25.25
CA ASP A 10 -15.18 -7.50 -24.87
C ASP A 10 -14.93 -8.62 -23.88
N ASP A 11 -13.77 -9.29 -23.97
CA ASP A 11 -13.43 -10.34 -23.02
C ASP A 11 -13.32 -9.77 -21.60
N SER A 12 -12.67 -8.60 -21.45
CA SER A 12 -12.31 -8.07 -20.14
C SER A 12 -13.23 -6.94 -19.67
N PHE A 13 -14.49 -6.92 -20.13
CA PHE A 13 -15.40 -5.88 -19.67
C PHE A 13 -15.96 -6.19 -18.29
N ASP A 14 -16.21 -7.47 -18.00
CA ASP A 14 -16.72 -7.83 -16.68
C ASP A 14 -15.68 -7.54 -15.60
N THR A 15 -14.42 -7.94 -15.86
CA THR A 15 -13.38 -7.71 -14.87
C THR A 15 -13.15 -6.23 -14.62
N ASP A 16 -13.16 -5.41 -15.68
CA ASP A 16 -12.63 -4.06 -15.61
C ASP A 16 -13.67 -2.99 -15.32
N VAL A 17 -14.96 -3.31 -15.45
CA VAL A 17 -16.01 -2.30 -15.26
C VAL A 17 -17.04 -2.84 -14.28
N LEU A 18 -17.57 -4.01 -14.59
CA LEU A 18 -18.73 -4.52 -13.86
C LEU A 18 -18.35 -5.10 -12.51
N LYS A 19 -17.32 -5.94 -12.49
CA LYS A 19 -16.77 -6.46 -11.24
C LYS A 19 -15.85 -5.47 -10.55
N ALA A 20 -15.68 -4.26 -11.11
CA ALA A 20 -14.80 -3.26 -10.53
C ALA A 20 -15.59 -2.36 -9.57
N ASP A 21 -14.85 -1.51 -8.85
CA ASP A 21 -15.41 -0.56 -7.91
C ASP A 21 -14.87 0.83 -8.21
N GLY A 22 -15.68 1.83 -7.90
CA GLY A 22 -15.37 3.21 -8.25
C GLY A 22 -16.13 3.65 -9.48
N ALA A 23 -15.79 4.85 -9.94
CA ALA A 23 -16.45 5.47 -11.08
C ALA A 23 -15.58 5.31 -12.32
N ILE A 24 -16.17 4.79 -13.39
CA ILE A 24 -15.47 4.53 -14.65
C ILE A 24 -16.27 5.11 -15.80
N LEU A 25 -15.61 5.95 -16.60
CA LEU A 25 -16.20 6.50 -17.80
C LEU A 25 -15.69 5.71 -19.00
N VAL A 26 -16.60 5.07 -19.71
CA VAL A 26 -16.27 4.25 -20.87
C VAL A 26 -16.60 5.04 -22.13
N ASP A 27 -15.63 5.15 -23.03
CA ASP A 27 -15.84 5.79 -24.33
C ASP A 27 -15.96 4.72 -25.39
N PHE A 28 -17.09 4.69 -26.08
CA PHE A 28 -17.31 3.81 -27.22
C PHE A 28 -16.93 4.57 -28.48
N TRP A 29 -16.01 4.01 -29.27
CA TRP A 29 -15.42 4.74 -30.38
C TRP A 29 -15.03 3.78 -31.49
N ALA A 30 -14.66 4.37 -32.63
CA ALA A 30 -14.11 3.64 -33.75
C ALA A 30 -13.39 4.64 -34.65
N GLU A 31 -12.48 4.13 -35.48
CA GLU A 31 -11.63 5.01 -36.28
C GLU A 31 -12.38 5.78 -37.35
N TRP A 32 -13.65 5.48 -37.59
CA TRP A 32 -14.43 6.13 -38.64
C TRP A 32 -15.41 7.16 -38.09
N CYS A 33 -15.30 7.50 -36.81
CA CYS A 33 -16.20 8.43 -36.14
C CYS A 33 -15.41 9.71 -35.86
N GLY A 34 -15.60 10.72 -36.71
CA GLY A 34 -14.89 11.97 -36.60
C GLY A 34 -14.95 12.57 -35.21
N PRO A 35 -16.16 12.75 -34.68
CA PRO A 35 -16.28 13.28 -33.31
C PRO A 35 -15.50 12.47 -32.29
N CYS A 36 -15.50 11.15 -32.43
CA CYS A 36 -14.77 10.30 -31.48
C CYS A 36 -13.29 10.65 -31.46
N LYS A 37 -12.72 10.94 -32.63
CA LYS A 37 -11.33 11.38 -32.71
C LYS A 37 -11.16 12.83 -32.28
N MET A 38 -12.24 13.61 -32.28
CA MET A 38 -12.17 15.00 -31.85
C MET A 38 -12.30 15.15 -30.33
N ILE A 39 -12.84 14.14 -29.64
CA ILE A 39 -12.92 14.19 -28.18
C ILE A 39 -11.84 13.33 -27.51
N ALA A 40 -11.11 12.53 -28.27
CA ALA A 40 -9.98 11.80 -27.70
C ALA A 40 -8.98 12.71 -26.97
N PRO A 41 -8.62 13.90 -27.47
CA PRO A 41 -7.68 14.72 -26.69
C PRO A 41 -8.28 15.19 -25.38
N ILE A 42 -9.57 15.54 -25.38
CA ILE A 42 -10.24 15.96 -24.16
C ILE A 42 -10.20 14.86 -23.12
N LEU A 43 -10.50 13.62 -23.55
CA LEU A 43 -10.47 12.50 -22.62
C LEU A 43 -9.11 12.34 -21.96
N ASP A 44 -8.04 12.61 -22.71
CA ASP A 44 -6.69 12.47 -22.15
C ASP A 44 -6.47 13.46 -21.01
N GLU A 45 -6.99 14.69 -21.15
CA GLU A 45 -6.86 15.67 -20.08
C GLU A 45 -7.79 15.34 -18.90
N ILE A 46 -8.94 14.74 -19.17
CA ILE A 46 -9.85 14.37 -18.09
C ILE A 46 -9.24 13.27 -17.23
N ALA A 47 -8.61 12.28 -17.87
CA ALA A 47 -8.02 11.17 -17.12
C ALA A 47 -6.98 11.67 -16.12
N ASP A 48 -6.32 12.78 -16.42
CA ASP A 48 -5.30 13.33 -15.53
C ASP A 48 -5.89 14.27 -14.48
N GLU A 49 -6.85 15.11 -14.87
CA GLU A 49 -7.44 16.05 -13.92
C GLU A 49 -8.41 15.36 -12.96
N TYR A 50 -8.87 14.15 -13.28
CA TYR A 50 -9.82 13.44 -12.45
C TYR A 50 -9.24 12.17 -11.82
N GLN A 51 -7.92 11.98 -11.89
CA GLN A 51 -7.29 10.84 -11.22
C GLN A 51 -7.63 10.88 -9.74
N GLY A 52 -8.05 9.74 -9.21
CA GLY A 52 -8.56 9.66 -7.86
C GLY A 52 -10.06 9.43 -7.84
N LYS A 53 -10.79 10.28 -8.56
CA LYS A 53 -12.24 10.24 -8.56
C LYS A 53 -12.85 9.69 -9.83
N LEU A 54 -12.03 9.30 -10.82
CA LEU A 54 -12.58 8.77 -12.04
C LEU A 54 -11.50 8.02 -12.82
N THR A 55 -11.91 6.95 -13.47
CA THR A 55 -11.07 6.20 -14.39
C THR A 55 -11.68 6.26 -15.78
N VAL A 56 -10.87 6.59 -16.77
CA VAL A 56 -11.34 6.75 -18.14
C VAL A 56 -10.90 5.53 -18.93
N ALA A 57 -11.85 4.91 -19.61
CA ALA A 57 -11.61 3.70 -20.39
C ALA A 57 -12.17 3.85 -21.79
N LYS A 58 -11.54 3.18 -22.75
CA LYS A 58 -11.97 3.18 -24.14
C LYS A 58 -12.35 1.78 -24.56
N LEU A 59 -13.28 1.70 -25.49
CA LEU A 59 -13.69 0.42 -26.08
C LEU A 59 -13.94 0.66 -27.57
N ASN A 60 -13.08 0.08 -28.41
CA ASN A 60 -13.18 0.24 -29.86
C ASN A 60 -14.15 -0.81 -30.40
N ILE A 61 -15.32 -0.35 -30.84
CA ILE A 61 -16.40 -1.26 -31.22
C ILE A 61 -16.12 -2.00 -32.52
N ASP A 62 -15.16 -1.53 -33.33
CA ASP A 62 -14.73 -2.31 -34.49
C ASP A 62 -14.15 -3.65 -34.03
N GLN A 63 -13.17 -3.61 -33.13
CA GLN A 63 -12.52 -4.81 -32.64
C GLN A 63 -13.31 -5.48 -31.52
N ASN A 64 -14.25 -4.77 -30.89
CA ASN A 64 -15.06 -5.29 -29.80
C ASN A 64 -16.53 -5.02 -30.09
N PRO A 65 -17.11 -5.77 -31.03
CA PRO A 65 -18.50 -5.51 -31.45
C PRO A 65 -19.55 -6.09 -30.52
N GLY A 66 -19.16 -6.82 -29.48
CA GLY A 66 -20.13 -7.49 -28.64
C GLY A 66 -20.78 -6.63 -27.58
N THR A 67 -20.01 -5.71 -26.98
CA THR A 67 -20.50 -5.00 -25.80
C THR A 67 -21.50 -3.90 -26.15
N ALA A 68 -21.16 -3.05 -27.12
CA ALA A 68 -21.98 -1.87 -27.38
C ALA A 68 -23.46 -2.17 -27.57
N PRO A 69 -23.87 -3.19 -28.32
CA PRO A 69 -25.31 -3.46 -28.44
C PRO A 69 -25.98 -3.74 -27.11
N LYS A 70 -25.28 -4.39 -26.18
CA LYS A 70 -25.87 -4.78 -24.90
C LYS A 70 -26.37 -3.59 -24.08
N TYR A 71 -26.00 -2.36 -24.44
CA TYR A 71 -26.39 -1.19 -23.67
C TYR A 71 -27.19 -0.17 -24.48
N GLY A 72 -27.68 -0.55 -25.66
CA GLY A 72 -28.43 0.39 -26.48
C GLY A 72 -27.58 1.43 -27.17
N ILE A 73 -26.29 1.19 -27.32
CA ILE A 73 -25.41 2.11 -28.02
C ILE A 73 -25.86 2.20 -29.48
N ARG A 74 -26.51 3.31 -29.83
CA ARG A 74 -26.91 3.55 -31.21
C ARG A 74 -25.76 4.18 -31.98
N GLY A 75 -25.64 5.50 -31.92
CA GLY A 75 -24.54 6.19 -32.53
C GLY A 75 -23.34 6.29 -31.61
N ILE A 76 -22.19 6.59 -32.20
CA ILE A 76 -21.00 6.94 -31.42
C ILE A 76 -20.65 8.38 -31.76
N PRO A 77 -19.98 9.12 -30.88
CA PRO A 77 -19.51 8.65 -29.56
C PRO A 77 -20.62 8.57 -28.52
N THR A 78 -20.53 7.61 -27.63
CA THR A 78 -21.43 7.49 -26.49
C THR A 78 -20.58 7.24 -25.25
N LEU A 79 -20.78 8.06 -24.22
CA LEU A 79 -20.05 7.95 -22.97
C LEU A 79 -20.98 7.38 -21.91
N LEU A 80 -20.57 6.27 -21.31
CA LEU A 80 -21.30 5.63 -20.22
C LEU A 80 -20.48 5.75 -18.95
N LEU A 81 -21.01 6.47 -17.96
CA LEU A 81 -20.41 6.54 -16.64
C LEU A 81 -20.97 5.39 -15.81
N PHE A 82 -20.12 4.43 -15.46
CA PHE A 82 -20.50 3.37 -14.54
C PHE A 82 -20.11 3.77 -13.11
N LYS A 83 -21.04 3.58 -12.17
CA LYS A 83 -20.75 3.66 -10.75
C LYS A 83 -20.92 2.24 -10.19
N ASN A 84 -19.80 1.58 -9.94
CA ASN A 84 -19.80 0.23 -9.37
C ASN A 84 -20.68 -0.72 -10.18
N GLY A 85 -20.30 -0.92 -11.44
CA GLY A 85 -21.01 -1.84 -12.31
C GLY A 85 -22.47 -1.52 -12.49
N GLU A 86 -22.77 -0.24 -12.75
CA GLU A 86 -24.15 0.18 -12.99
C GLU A 86 -24.11 1.53 -13.71
N VAL A 87 -24.75 1.60 -14.87
CA VAL A 87 -24.79 2.86 -15.62
C VAL A 87 -25.47 3.90 -14.76
N ALA A 88 -24.73 4.98 -14.45
CA ALA A 88 -25.28 6.10 -13.70
C ALA A 88 -25.65 7.27 -14.59
N ALA A 89 -25.05 7.39 -15.77
CA ALA A 89 -25.34 8.50 -16.67
C ALA A 89 -24.87 8.13 -18.06
N THR A 90 -25.38 8.84 -19.05
CA THR A 90 -24.94 8.69 -20.43
C THR A 90 -24.73 10.06 -21.05
N LYS A 91 -23.94 10.09 -22.12
CA LYS A 91 -23.79 11.28 -22.94
C LYS A 91 -23.50 10.83 -24.35
N VAL A 92 -24.21 11.40 -25.33
CA VAL A 92 -24.15 10.99 -26.71
C VAL A 92 -23.69 12.17 -27.56
N GLY A 93 -22.78 11.91 -28.50
CA GLY A 93 -22.26 12.96 -29.36
C GLY A 93 -21.15 13.75 -28.69
N ALA A 94 -20.28 14.34 -29.50
CA ALA A 94 -19.12 15.05 -28.97
C ALA A 94 -19.56 16.18 -28.04
N LEU A 95 -18.59 16.73 -27.32
CA LEU A 95 -18.83 17.82 -26.39
C LEU A 95 -17.47 18.39 -25.99
N SER A 96 -17.47 19.65 -25.59
CA SER A 96 -16.23 20.33 -25.27
C SER A 96 -15.69 19.89 -23.91
N LYS A 97 -14.43 20.20 -23.66
CA LYS A 97 -13.82 19.90 -22.37
C LYS A 97 -14.64 20.48 -21.23
N GLY A 98 -15.19 21.69 -21.42
CA GLY A 98 -16.04 22.27 -20.41
C GLY A 98 -17.42 21.65 -20.35
N GLN A 99 -17.91 21.13 -21.47
CA GLN A 99 -19.18 20.40 -21.44
C GLN A 99 -19.02 19.05 -20.75
N LEU A 100 -17.87 18.41 -20.93
CA LEU A 100 -17.62 17.13 -20.28
C LEU A 100 -17.40 17.32 -18.78
N LYS A 101 -16.73 18.40 -18.39
CA LYS A 101 -16.53 18.68 -16.97
C LYS A 101 -17.85 18.96 -16.27
N GLU A 102 -18.78 19.66 -16.95
CA GLU A 102 -20.09 19.90 -16.36
C GLU A 102 -20.88 18.60 -16.20
N PHE A 103 -20.74 17.69 -17.17
CA PHE A 103 -21.44 16.41 -17.07
C PHE A 103 -20.90 15.55 -15.95
N LEU A 104 -19.57 15.55 -15.77
CA LEU A 104 -18.96 14.73 -14.73
C LEU A 104 -19.18 15.34 -13.35
N ASP A 105 -18.77 16.60 -13.17
CA ASP A 105 -18.82 17.22 -11.85
C ASP A 105 -20.21 17.19 -11.26
N ALA A 106 -21.24 17.29 -12.10
CA ALA A 106 -22.62 17.19 -11.65
C ALA A 106 -23.13 15.76 -11.60
N ASN A 107 -22.24 14.78 -11.54
CA ASN A 107 -22.64 13.38 -11.48
C ASN A 107 -21.68 12.51 -10.69
N LEU A 108 -20.55 13.04 -10.22
CA LEU A 108 -19.57 12.28 -9.45
C LEU A 108 -19.61 12.75 -8.00
N ALA A 109 -19.68 11.79 -7.07
CA ALA A 109 -19.63 12.10 -5.64
C ALA A 109 -18.17 12.30 -5.26
N ALA A 110 -17.66 13.48 -5.57
CA ALA A 110 -16.23 13.76 -5.43
C ALA A 110 -15.94 14.90 -4.47
N ALA A 111 -16.60 14.90 -3.31
CA ALA A 111 -16.28 15.84 -2.24
C ALA A 111 -15.14 15.29 -1.40
N LEU A 112 -14.17 16.15 -1.09
CA LEU A 112 -13.01 15.71 -0.33
C LEU A 112 -13.42 15.38 1.10
N VAL A 113 -12.99 14.23 1.58
CA VAL A 113 -13.48 13.66 2.83
C VAL A 113 -12.29 13.09 3.60
N GLN A 114 -12.42 13.06 4.92
CA GLN A 114 -11.46 12.36 5.78
C GLN A 114 -12.09 11.03 6.17
N GLN A 115 -11.54 9.94 5.64
CA GLN A 115 -12.03 8.60 5.93
C GLN A 115 -11.07 7.89 6.86
N LEU A 116 -11.62 7.03 7.71
CA LEU A 116 -10.77 6.14 8.48
C LEU A 116 -10.00 5.22 7.54
N PRO A 117 -8.81 4.78 7.92
CA PRO A 117 -8.05 3.89 7.04
C PRO A 117 -8.77 2.57 6.85
N LYS A 118 -8.76 2.08 5.61
CA LYS A 118 -9.29 0.75 5.29
C LYS A 118 -8.21 -0.31 5.28
N ALA A 119 -6.94 0.08 5.36
CA ALA A 119 -5.84 -0.83 5.63
C ALA A 119 -4.81 -0.10 6.49
N ILE A 120 -4.22 -0.83 7.43
CA ILE A 120 -3.20 -0.30 8.33
C ILE A 120 -1.95 -1.15 8.22
N ILE A 121 -0.81 -0.50 8.02
CA ILE A 121 0.49 -1.16 8.14
C ILE A 121 0.83 -1.18 9.63
N ILE A 122 0.67 -2.36 10.26
CA ILE A 122 0.81 -2.45 11.70
C ILE A 122 2.24 -2.74 12.14
N GLY A 123 3.13 -3.03 11.21
CA GLY A 123 4.51 -3.35 11.54
C GLY A 123 5.21 -3.95 10.34
N VAL A 124 6.48 -4.33 10.53
CA VAL A 124 7.22 -4.24 11.78
C VAL A 124 8.24 -3.11 11.69
N ARG A 125 8.55 -2.52 12.84
CA ARG A 125 9.66 -1.58 12.96
C ARG A 125 10.87 -2.06 12.17
N LYS A 126 11.37 -1.21 11.28
CA LYS A 126 12.54 -1.45 10.44
C LYS A 126 12.30 -2.51 9.37
N GLY A 127 11.07 -2.96 9.17
CA GLY A 127 10.78 -3.89 8.10
C GLY A 127 10.67 -3.27 6.73
N GLY A 128 10.72 -1.95 6.64
CA GLY A 128 10.41 -1.25 5.42
C GLY A 128 9.04 -0.61 5.42
N THR A 129 8.54 -0.23 6.60
CA THR A 129 7.19 0.31 6.68
C THR A 129 7.06 1.59 5.86
N ARG A 130 8.00 2.52 6.02
CA ARG A 130 7.92 3.76 5.24
C ARG A 130 8.01 3.45 3.75
N ALA A 131 8.92 2.55 3.35
CA ALA A 131 9.04 2.21 1.93
C ALA A 131 7.75 1.62 1.41
N LEU A 132 7.11 0.76 2.20
CA LEU A 132 5.85 0.16 1.77
C LEU A 132 4.77 1.24 1.59
N LEU A 133 4.66 2.14 2.57
CA LEU A 133 3.63 3.17 2.50
C LEU A 133 3.82 4.06 1.28
N GLU A 134 5.04 4.56 1.09
CA GLU A 134 5.28 5.46 -0.04
C GLU A 134 5.05 4.76 -1.37
N MET A 135 5.38 3.46 -1.45
CA MET A 135 5.23 2.74 -2.71
C MET A 135 3.78 2.45 -3.03
N LEU A 136 2.98 2.08 -2.01
CA LEU A 136 1.55 1.89 -2.25
C LEU A 136 0.90 3.19 -2.69
N ASN A 137 1.38 4.33 -2.19
CA ASN A 137 0.81 5.62 -2.59
C ASN A 137 0.95 5.86 -4.10
N LEU A 138 1.85 5.14 -4.77
CA LEU A 138 1.95 5.23 -6.22
C LEU A 138 0.63 4.89 -6.91
N HIS A 139 -0.24 4.13 -6.27
CA HIS A 139 -1.51 3.78 -6.87
C HIS A 139 -2.46 4.97 -6.80
N PRO A 140 -3.20 5.29 -7.88
CA PRO A 140 -4.05 6.49 -7.86
C PRO A 140 -5.22 6.37 -6.89
N ALA A 141 -5.54 5.16 -6.43
CA ALA A 141 -6.66 4.93 -5.52
C ALA A 141 -6.26 5.00 -4.05
N VAL A 142 -4.97 5.16 -3.75
CA VAL A 142 -4.46 5.11 -2.39
C VAL A 142 -3.99 6.50 -1.99
N VAL A 143 -4.41 6.95 -0.81
CA VAL A 143 -3.84 8.12 -0.15
C VAL A 143 -3.15 7.66 1.11
N LYS A 144 -1.98 8.24 1.39
CA LYS A 144 -1.18 7.86 2.54
C LYS A 144 -1.31 8.91 3.64
N ALA A 145 -1.33 8.45 4.87
CA ALA A 145 -1.15 9.34 6.02
C ALA A 145 0.34 9.63 6.15
N SER A 146 0.71 10.89 6.03
CA SER A 146 2.11 11.24 5.80
C SER A 146 2.97 10.92 7.02
N GLN A 147 2.52 11.32 8.21
CA GLN A 147 3.24 11.01 9.43
C GLN A 147 2.67 9.77 10.10
N GLU A 148 3.50 9.15 10.95
CA GLU A 148 2.98 8.10 11.84
C GLU A 148 2.01 8.72 12.84
N ILE A 149 0.86 8.08 13.02
CA ILE A 149 -0.23 8.67 13.79
C ILE A 149 -0.21 8.21 15.24
N HIS A 150 0.05 6.93 15.50
CA HIS A 150 0.17 6.37 16.85
C HIS A 150 -1.09 6.67 17.67
N PHE A 151 -2.18 6.04 17.25
CA PHE A 151 -3.48 6.24 17.86
C PHE A 151 -3.79 5.15 18.90
N PHE A 152 -3.79 3.89 18.48
CA PHE A 152 -4.21 2.82 19.37
C PHE A 152 -3.16 2.44 20.40
N ASP A 153 -1.89 2.82 20.20
CA ASP A 153 -0.81 2.45 21.10
C ASP A 153 -0.49 3.52 22.13
N ASN A 154 -1.28 4.60 22.19
CA ASN A 154 -1.03 5.72 23.09
C ASN A 154 -2.35 6.05 23.76
N ASP A 155 -2.46 5.76 25.06
CA ASP A 155 -3.72 5.94 25.77
C ASP A 155 -4.17 7.39 25.76
N GLU A 156 -3.23 8.34 25.72
CA GLU A 156 -3.62 9.74 25.63
C GLU A 156 -4.37 10.01 24.32
N ASN A 157 -3.83 9.52 23.21
CA ASN A 157 -4.49 9.71 21.92
C ASN A 157 -5.75 8.88 21.80
N TYR A 158 -5.67 7.60 22.19
CA TYR A 158 -6.83 6.73 22.03
C TYR A 158 -8.05 7.27 22.78
N GLY A 159 -7.83 7.94 23.91
CA GLY A 159 -8.95 8.47 24.67
C GLY A 159 -9.67 9.62 23.99
N LYS A 160 -9.08 10.23 22.96
CA LYS A 160 -9.67 11.36 22.27
C LYS A 160 -10.75 10.95 21.28
N GLY A 161 -11.01 9.66 21.13
CA GLY A 161 -12.10 9.18 20.30
C GLY A 161 -11.64 8.80 18.91
N ILE A 162 -12.44 7.95 18.26
CA ILE A 162 -12.14 7.56 16.89
C ILE A 162 -12.30 8.74 15.95
N GLU A 163 -13.16 9.71 16.31
CA GLU A 163 -13.29 10.90 15.48
C GLU A 163 -11.97 11.68 15.43
N TRP A 164 -11.24 11.72 16.53
CA TRP A 164 -9.92 12.34 16.51
C TRP A 164 -9.01 11.62 15.53
N TYR A 165 -8.98 10.29 15.60
CA TYR A 165 -8.19 9.50 14.65
C TYR A 165 -8.57 9.80 13.22
N ARG A 166 -9.88 9.93 12.95
CA ARG A 166 -10.33 10.19 11.59
C ARG A 166 -9.86 11.56 11.11
N LYS A 167 -9.94 12.56 11.98
CA LYS A 167 -9.57 13.92 11.59
C LYS A 167 -8.06 14.10 11.48
N LYS A 168 -7.27 13.12 11.93
CA LYS A 168 -5.86 13.07 11.62
C LYS A 168 -5.58 12.57 10.21
N MET A 169 -6.57 12.00 9.53
CA MET A 169 -6.31 11.38 8.25
C MET A 169 -6.27 12.44 7.15
N PRO A 170 -5.66 12.14 6.02
CA PRO A 170 -5.65 13.10 4.92
C PRO A 170 -7.00 13.11 4.24
N PHE A 171 -7.21 14.16 3.45
CA PHE A 171 -8.40 14.24 2.62
C PHE A 171 -8.25 13.38 1.39
N SER A 172 -9.39 12.88 0.90
CA SER A 172 -9.39 11.98 -0.22
C SER A 172 -10.77 12.00 -0.85
N TYR A 173 -10.83 11.65 -2.13
CA TYR A 173 -12.12 11.39 -2.74
C TYR A 173 -12.71 10.14 -2.11
N PRO A 174 -14.03 10.09 -1.88
CA PRO A 174 -14.60 8.91 -1.19
C PRO A 174 -14.30 7.60 -1.89
N GLN A 175 -13.90 7.64 -3.16
CA GLN A 175 -13.59 6.44 -3.91
C GLN A 175 -12.27 5.81 -3.47
N GLN A 176 -11.32 6.62 -2.98
CA GLN A 176 -10.00 6.13 -2.63
C GLN A 176 -10.02 5.44 -1.28
N ILE A 177 -8.92 4.77 -0.95
CA ILE A 177 -8.73 4.17 0.36
C ILE A 177 -7.52 4.83 1.03
N THR A 178 -7.62 5.04 2.34
CA THR A 178 -6.56 5.65 3.13
C THR A 178 -5.78 4.57 3.89
N ILE A 179 -4.46 4.76 3.97
CA ILE A 179 -3.58 3.82 4.66
C ILE A 179 -2.68 4.58 5.63
N GLU A 180 -2.52 4.02 6.82
CA GLU A 180 -1.68 4.55 7.88
C GLU A 180 -0.60 3.53 8.23
N LYS A 181 0.54 4.03 8.72
CA LYS A 181 1.66 3.21 9.17
C LYS A 181 2.00 3.58 10.62
N SER A 182 2.05 2.58 11.50
CA SER A 182 2.43 2.79 12.89
C SER A 182 3.08 1.51 13.39
N PRO A 183 4.40 1.38 13.24
CA PRO A 183 5.05 0.08 13.49
C PRO A 183 4.92 -0.42 14.92
N ALA A 184 4.63 0.47 15.88
CA ALA A 184 4.51 0.01 17.26
C ALA A 184 3.22 -0.79 17.50
N TYR A 185 2.21 -0.64 16.64
CA TYR A 185 0.97 -1.39 16.83
C TYR A 185 1.24 -2.89 16.93
N PHE A 186 2.24 -3.38 16.19
CA PHE A 186 2.43 -4.82 16.07
C PHE A 186 2.73 -5.45 17.43
N ILE A 187 3.47 -4.74 18.28
CA ILE A 187 3.95 -5.32 19.54
C ILE A 187 3.23 -4.79 20.76
N THR A 188 2.49 -3.69 20.65
CA THR A 188 1.77 -3.16 21.81
C THR A 188 0.54 -4.02 22.11
N GLU A 189 0.35 -4.32 23.39
CA GLU A 189 -0.57 -5.38 23.78
C GLU A 189 -2.03 -5.00 23.54
N GLU A 190 -2.43 -3.78 23.92
CA GLU A 190 -3.84 -3.43 23.87
C GLU A 190 -4.34 -3.11 22.47
N VAL A 191 -3.48 -3.11 21.46
CA VAL A 191 -3.84 -2.57 20.15
C VAL A 191 -4.82 -3.46 19.38
N PRO A 192 -4.61 -4.77 19.29
CA PRO A 192 -5.54 -5.59 18.49
C PRO A 192 -6.99 -5.45 18.88
N GLU A 193 -7.31 -5.39 20.17
CA GLU A 193 -8.72 -5.28 20.56
C GLU A 193 -9.28 -3.91 20.25
N ARG A 194 -8.44 -2.87 20.30
CA ARG A 194 -8.92 -1.53 19.98
C ARG A 194 -9.16 -1.36 18.48
N ILE A 195 -8.24 -1.85 17.65
CA ILE A 195 -8.50 -1.84 16.22
C ILE A 195 -9.74 -2.66 15.91
N TYR A 196 -9.85 -3.85 16.52
CA TYR A 196 -10.99 -4.70 16.25
C TYR A 196 -12.30 -3.99 16.54
N LYS A 197 -12.38 -3.29 17.67
CA LYS A 197 -13.60 -2.55 17.99
C LYS A 197 -13.91 -1.53 16.90
N MET A 198 -12.89 -0.79 16.44
CA MET A 198 -13.13 0.22 15.42
C MET A 198 -13.66 -0.41 14.14
N ASN A 199 -12.95 -1.39 13.60
CA ASN A 199 -13.31 -1.95 12.29
C ASN A 199 -12.87 -3.42 12.28
N SER A 200 -13.79 -4.29 12.71
CA SER A 200 -13.45 -5.70 12.81
C SER A 200 -13.07 -6.32 11.48
N SER A 201 -13.41 -5.69 10.35
CA SER A 201 -13.08 -6.21 9.03
C SER A 201 -11.93 -5.46 8.37
N ILE A 202 -11.21 -4.63 9.13
CA ILE A 202 -10.11 -3.89 8.53
C ILE A 202 -9.04 -4.85 8.01
N LYS A 203 -8.27 -4.36 7.05
CA LYS A 203 -7.18 -5.12 6.43
C LYS A 203 -5.86 -4.69 7.02
N LEU A 204 -5.01 -5.66 7.32
CA LEU A 204 -3.81 -5.44 8.10
C LEU A 204 -2.60 -5.89 7.30
N LEU A 205 -1.63 -5.00 7.14
CA LEU A 205 -0.39 -5.27 6.44
C LEU A 205 0.74 -5.43 7.43
N ILE A 206 1.60 -6.41 7.18
CA ILE A 206 2.80 -6.63 7.98
C ILE A 206 3.96 -6.80 7.00
N ILE A 207 4.97 -5.95 7.12
CA ILE A 207 6.17 -6.08 6.31
C ILE A 207 7.31 -6.47 7.26
N VAL A 208 7.96 -7.58 6.95
CA VAL A 208 8.99 -8.16 7.79
C VAL A 208 10.27 -8.29 6.97
N ARG A 209 11.39 -8.25 7.69
CA ARG A 209 12.70 -8.56 7.14
C ARG A 209 13.25 -9.78 7.86
N GLU A 210 14.37 -10.30 7.34
CA GLU A 210 15.13 -11.36 8.01
C GLU A 210 15.27 -11.01 9.47
N PRO A 211 14.93 -11.94 10.39
CA PRO A 211 14.91 -11.58 11.82
C PRO A 211 16.20 -10.97 12.35
N THR A 212 17.34 -11.65 12.16
CA THR A 212 18.59 -11.12 12.68
C THR A 212 18.89 -9.75 12.06
N THR A 213 18.64 -9.62 10.76
CA THR A 213 18.92 -8.36 10.09
C THR A 213 18.02 -7.24 10.60
N ARG A 214 16.74 -7.54 10.81
CA ARG A 214 15.85 -6.53 11.36
C ARG A 214 16.31 -6.09 12.74
N ALA A 215 16.79 -7.04 13.55
CA ALA A 215 17.27 -6.71 14.89
C ALA A 215 18.47 -5.77 14.83
N ILE A 216 19.41 -6.03 13.93
CA ILE A 216 20.58 -5.17 13.81
C ILE A 216 20.17 -3.80 13.28
N SER A 217 19.22 -3.77 12.35
CA SER A 217 18.73 -2.48 11.86
C SER A 217 18.07 -1.70 12.98
N ASP A 218 17.26 -2.38 13.80
CA ASP A 218 16.67 -1.77 14.98
C ASP A 218 17.76 -1.14 15.85
N TYR A 219 18.73 -1.96 16.26
CA TYR A 219 19.82 -1.48 17.10
C TYR A 219 20.53 -0.30 16.48
N THR A 220 20.74 -0.34 15.16
CA THR A 220 21.48 0.74 14.51
C THR A 220 20.73 2.06 14.61
N GLN A 221 19.39 2.03 14.53
CA GLN A 221 18.63 3.26 14.65
C GLN A 221 18.76 3.87 16.03
N VAL A 222 18.77 3.04 17.07
CA VAL A 222 18.92 3.54 18.43
C VAL A 222 20.31 4.16 18.62
N LEU A 223 21.33 3.51 18.07
CA LEU A 223 22.70 3.99 18.22
C LEU A 223 22.91 5.31 17.50
N GLU A 224 22.25 5.54 16.36
CA GLU A 224 22.38 6.82 15.70
C GLU A 224 21.83 7.93 16.59
N GLY A 225 20.66 7.71 17.17
CA GLY A 225 20.06 8.68 18.06
C GLY A 225 20.81 8.85 19.37
N LYS A 226 21.66 7.91 19.73
CA LYS A 226 22.52 8.08 20.89
C LYS A 226 23.86 8.69 20.51
N GLU A 227 24.43 8.30 19.38
CA GLU A 227 25.62 9.00 18.88
C GLU A 227 25.35 10.49 18.71
N ARG A 228 24.19 10.84 18.15
CA ARG A 228 23.87 12.24 17.92
C ARG A 228 23.93 13.04 19.21
N LYS A 229 23.32 12.53 20.27
CA LYS A 229 23.29 13.22 21.56
C LYS A 229 24.56 13.02 22.37
N ASN A 230 25.60 12.43 21.79
CA ASN A 230 26.90 12.23 22.44
C ASN A 230 26.79 11.32 23.66
N LYS A 231 25.83 10.41 23.65
CA LYS A 231 25.63 9.46 24.73
C LYS A 231 26.29 8.13 24.40
N THR A 232 26.60 7.36 25.44
CA THR A 232 27.22 6.06 25.28
C THR A 232 26.14 4.99 25.21
N TYR A 233 26.38 3.98 24.36
CA TYR A 233 25.50 2.83 24.29
C TYR A 233 26.38 1.59 24.43
N TYR A 234 25.94 0.45 23.91
CA TYR A 234 26.71 -0.78 23.97
C TYR A 234 26.75 -1.41 22.58
N LYS A 235 27.64 -2.39 22.43
CA LYS A 235 27.67 -3.17 21.21
C LYS A 235 26.44 -4.06 21.11
N PHE A 236 25.96 -4.25 19.88
CA PHE A 236 24.85 -5.16 19.65
C PHE A 236 25.11 -6.54 20.26
N GLU A 237 26.36 -6.98 20.23
CA GLU A 237 26.70 -8.29 20.78
C GLU A 237 26.45 -8.35 22.28
N LYS A 238 26.71 -7.24 23.00
CA LYS A 238 26.53 -7.28 24.44
C LYS A 238 25.06 -7.28 24.84
N LEU A 239 24.21 -6.63 24.05
CA LEU A 239 22.78 -6.60 24.36
C LEU A 239 22.07 -7.88 23.95
N ALA A 240 22.53 -8.54 22.90
CA ALA A 240 21.82 -9.67 22.33
C ALA A 240 22.24 -11.01 22.92
N ILE A 241 23.36 -11.07 23.62
CA ILE A 241 23.89 -12.30 24.19
C ILE A 241 23.96 -12.13 25.70
N ASP A 242 23.41 -13.09 26.44
CA ASP A 242 23.53 -13.06 27.89
C ASP A 242 24.92 -13.53 28.31
N PRO A 243 25.66 -12.76 29.12
CA PRO A 243 27.03 -13.18 29.42
C PRO A 243 27.12 -14.44 30.26
N ASN A 244 26.10 -14.74 31.07
CA ASN A 244 26.18 -15.88 31.96
C ASN A 244 25.99 -17.21 31.24
N THR A 245 25.25 -17.21 30.12
CA THR A 245 24.98 -18.42 29.37
C THR A 245 25.56 -18.43 27.97
N CYS A 246 25.95 -17.28 27.43
CA CYS A 246 26.40 -17.18 26.04
C CYS A 246 25.31 -17.69 25.09
N GLU A 247 24.05 -17.42 25.45
CA GLU A 247 22.89 -17.73 24.63
C GLU A 247 22.15 -16.43 24.32
N VAL A 248 21.14 -16.54 23.46
CA VAL A 248 20.38 -15.36 23.06
C VAL A 248 19.60 -14.83 24.24
N ASN A 249 19.75 -13.54 24.51
CA ASN A 249 19.04 -12.86 25.60
C ASN A 249 17.66 -12.46 25.10
N THR A 250 16.64 -13.21 25.52
CA THR A 250 15.28 -12.98 25.05
C THR A 250 14.64 -11.73 25.66
N LYS A 251 15.28 -11.12 26.67
CA LYS A 251 14.76 -9.88 27.24
C LYS A 251 15.13 -8.64 26.43
N TYR A 252 16.01 -8.78 25.43
CA TYR A 252 16.40 -7.65 24.60
C TYR A 252 15.27 -7.32 23.63
N LYS A 253 14.84 -6.06 23.65
CA LYS A 253 13.64 -5.68 22.89
C LYS A 253 13.82 -5.92 21.39
N ALA A 254 15.02 -5.67 20.88
CA ALA A 254 15.24 -5.83 19.44
C ALA A 254 15.20 -7.30 19.02
N VAL A 255 15.52 -8.22 19.93
CA VAL A 255 15.30 -9.63 19.63
C VAL A 255 13.82 -9.97 19.78
N ARG A 256 13.18 -9.47 20.83
CA ARG A 256 11.77 -9.78 21.07
C ARG A 256 10.90 -9.37 19.90
N THR A 257 11.23 -8.25 19.25
CA THR A 257 10.43 -7.74 18.14
C THR A 257 10.61 -8.54 16.86
N SER A 258 11.74 -9.24 16.71
CA SER A 258 11.95 -10.08 15.54
C SER A 258 11.33 -11.47 15.70
N ILE A 259 10.74 -11.77 16.85
CA ILE A 259 10.01 -13.02 17.04
C ILE A 259 8.59 -12.77 16.53
N TYR A 260 8.47 -12.67 15.19
CA TYR A 260 7.22 -12.19 14.60
C TYR A 260 6.03 -13.04 15.00
N THR A 261 6.23 -14.32 15.28
CA THR A 261 5.10 -15.22 15.47
C THR A 261 4.47 -15.09 16.84
N LYS A 262 5.23 -14.68 17.87
CA LYS A 262 4.61 -14.47 19.17
C LYS A 262 3.64 -13.29 19.12
N HIS A 263 3.97 -12.26 18.35
CA HIS A 263 3.09 -11.10 18.24
C HIS A 263 1.88 -11.41 17.38
N LEU A 264 2.10 -12.06 16.22
CA LEU A 264 1.00 -12.37 15.33
C LEU A 264 -0.09 -13.16 16.05
N GLU A 265 0.29 -14.04 16.97
CA GLU A 265 -0.70 -14.87 17.64
C GLU A 265 -1.57 -14.06 18.58
N ARG A 266 -1.05 -12.94 19.12
CA ARG A 266 -1.91 -12.02 19.85
C ARG A 266 -2.97 -11.42 18.92
N TRP A 267 -2.57 -11.11 17.69
CA TRP A 267 -3.51 -10.51 16.74
C TRP A 267 -4.54 -11.52 16.25
N LEU A 268 -4.16 -12.79 16.15
CA LEU A 268 -5.08 -13.80 15.65
C LEU A 268 -6.16 -14.15 16.66
N LYS A 269 -6.04 -13.67 17.91
CA LYS A 269 -7.15 -13.79 18.85
C LYS A 269 -8.37 -13.01 18.38
N TYR A 270 -8.17 -11.99 17.55
CA TYR A 270 -9.22 -11.04 17.19
C TYR A 270 -9.51 -10.97 15.70
N PHE A 271 -8.50 -11.15 14.84
CA PHE A 271 -8.65 -11.01 13.41
C PHE A 271 -8.34 -12.33 12.72
N PRO A 272 -9.10 -12.70 11.69
CA PRO A 272 -8.78 -13.92 10.95
C PRO A 272 -7.54 -13.69 10.10
N ILE A 273 -6.84 -14.79 9.80
CA ILE A 273 -5.62 -14.69 9.00
C ILE A 273 -5.91 -14.11 7.62
N GLU A 274 -7.15 -14.26 7.14
CA GLU A 274 -7.51 -13.78 5.80
C GLU A 274 -7.50 -12.26 5.71
N GLN A 275 -7.50 -11.54 6.83
CA GLN A 275 -7.43 -10.08 6.83
C GLN A 275 -6.01 -9.56 6.97
N PHE A 276 -5.03 -10.45 7.00
CA PHE A 276 -3.62 -10.08 7.01
C PHE A 276 -2.98 -10.33 5.65
N HIS A 277 -2.01 -9.49 5.31
CA HIS A 277 -1.10 -9.74 4.21
C HIS A 277 0.32 -9.45 4.65
N VAL A 278 1.21 -10.41 4.43
CA VAL A 278 2.61 -10.29 4.83
C VAL A 278 3.43 -9.88 3.62
N VAL A 279 4.19 -8.80 3.76
CA VAL A 279 5.06 -8.31 2.70
C VAL A 279 6.48 -8.79 2.98
N ASP A 280 7.12 -9.36 1.97
CA ASP A 280 8.51 -9.80 2.09
C ASP A 280 9.39 -8.56 1.99
N GLY A 281 9.77 -8.00 3.13
CA GLY A 281 10.55 -6.78 3.13
C GLY A 281 11.90 -6.95 2.47
N ASP A 282 12.45 -8.16 2.46
CA ASP A 282 13.70 -8.40 1.76
C ASP A 282 13.50 -8.30 0.25
N ARG A 283 12.47 -8.96 -0.28
CA ARG A 283 12.19 -8.83 -1.71
C ARG A 283 11.77 -7.41 -2.07
N LEU A 284 11.18 -6.66 -1.13
CA LEU A 284 10.87 -5.27 -1.40
C LEU A 284 12.14 -4.45 -1.63
N ILE A 285 13.28 -4.91 -1.10
CA ILE A 285 14.52 -4.17 -1.28
C ILE A 285 15.16 -4.48 -2.62
N THR A 286 14.98 -5.70 -3.13
CA THR A 286 15.72 -6.17 -4.29
C THR A 286 14.85 -6.37 -5.53
N GLU A 287 13.60 -6.81 -5.37
CA GLU A 287 12.67 -6.95 -6.49
C GLU A 287 11.28 -6.57 -5.99
N PRO A 288 11.00 -5.26 -5.90
CA PRO A 288 9.78 -4.82 -5.19
C PRO A 288 8.49 -5.03 -5.96
N LEU A 289 8.49 -4.92 -7.28
CA LEU A 289 7.22 -4.85 -8.00
C LEU A 289 6.32 -6.05 -7.73
N PRO A 290 6.79 -7.30 -7.79
CA PRO A 290 5.88 -8.42 -7.50
C PRO A 290 5.27 -8.34 -6.10
N GLU A 291 6.03 -7.87 -5.12
CA GLU A 291 5.46 -7.73 -3.78
C GLU A 291 4.35 -6.69 -3.75
N LEU A 292 4.46 -5.64 -4.57
CA LEU A 292 3.43 -4.62 -4.60
C LEU A 292 2.19 -5.08 -5.33
N GLN A 293 2.33 -6.02 -6.27
CA GLN A 293 1.17 -6.51 -6.99
C GLN A 293 0.31 -7.42 -6.12
N LEU A 294 0.95 -8.16 -5.22
CA LEU A 294 0.16 -8.94 -4.25
C LEU A 294 -0.65 -8.02 -3.35
N VAL A 295 -0.05 -6.90 -2.93
CA VAL A 295 -0.78 -5.99 -2.05
C VAL A 295 -1.95 -5.36 -2.79
N GLU A 296 -1.78 -5.09 -4.09
CA GLU A 296 -2.88 -4.54 -4.87
C GLU A 296 -4.06 -5.50 -4.87
N LYS A 297 -3.81 -6.79 -5.09
CA LYS A 297 -4.90 -7.75 -5.09
C LYS A 297 -5.49 -7.92 -3.69
N PHE A 298 -4.64 -7.94 -2.66
CA PHE A 298 -5.14 -8.03 -1.29
C PHE A 298 -6.13 -6.91 -1.00
N LEU A 299 -5.86 -5.70 -1.49
CA LEU A 299 -6.72 -4.54 -1.28
C LEU A 299 -7.77 -4.38 -2.36
N ASN A 300 -8.00 -5.40 -3.18
CA ASN A 300 -9.05 -5.37 -4.20
C ASN A 300 -8.90 -4.18 -5.14
N LEU A 301 -7.64 -3.83 -5.45
CA LEU A 301 -7.37 -2.71 -6.34
C LEU A 301 -6.97 -3.19 -7.73
N PRO A 302 -7.25 -2.41 -8.78
CA PRO A 302 -6.80 -2.80 -10.11
C PRO A 302 -5.32 -2.58 -10.28
N PRO A 303 -4.66 -3.35 -11.13
CA PRO A 303 -3.20 -3.22 -11.26
C PRO A 303 -2.79 -1.93 -11.95
N ARG A 304 -2.20 -1.00 -11.21
CA ARG A 304 -1.77 0.26 -11.79
C ARG A 304 -0.29 0.57 -11.53
N ILE A 305 0.37 -0.16 -10.65
CA ILE A 305 1.80 0.08 -10.39
C ILE A 305 2.59 -0.77 -11.38
N SER A 306 3.53 -0.13 -12.07
CA SER A 306 4.29 -0.73 -13.16
C SER A 306 5.78 -0.59 -12.90
N GLN A 307 6.58 -1.11 -13.82
CA GLN A 307 8.03 -0.96 -13.73
C GLN A 307 8.44 0.50 -13.88
N TYR A 308 7.61 1.30 -14.56
CA TYR A 308 7.93 2.71 -14.76
C TYR A 308 8.01 3.47 -13.46
N ASN A 309 7.33 2.99 -12.42
CA ASN A 309 7.24 3.73 -11.16
C ASN A 309 8.41 3.46 -10.22
N LEU A 310 9.29 2.53 -10.56
CA LEU A 310 10.42 2.17 -9.72
C LEU A 310 11.69 2.21 -10.56
N TYR A 311 12.59 3.11 -10.22
CA TYR A 311 13.91 3.18 -10.84
C TYR A 311 14.96 2.96 -9.76
N PHE A 312 15.97 2.15 -10.08
CA PHE A 312 17.01 1.83 -9.12
C PHE A 312 18.04 2.96 -9.10
N ASN A 313 18.43 3.36 -7.89
CA ASN A 313 19.40 4.44 -7.66
C ASN A 313 20.70 3.79 -7.21
N ALA A 314 21.69 3.75 -8.10
CA ALA A 314 22.91 3.00 -7.83
C ALA A 314 23.71 3.63 -6.68
N THR A 315 23.76 4.96 -6.62
CA THR A 315 24.50 5.61 -5.54
C THR A 315 23.87 5.33 -4.19
N ARG A 316 22.55 5.16 -4.14
CA ARG A 316 21.85 4.94 -2.88
C ARG A 316 21.75 3.45 -2.51
N GLY A 317 21.77 2.56 -3.51
CA GLY A 317 21.63 1.15 -3.24
C GLY A 317 20.21 0.68 -3.07
N PHE A 318 19.23 1.55 -3.30
CA PHE A 318 17.82 1.21 -3.11
C PHE A 318 17.01 1.74 -4.28
N TYR A 319 15.83 1.17 -4.47
CA TYR A 319 14.90 1.68 -5.47
C TYR A 319 14.32 3.01 -5.02
N CYS A 320 14.06 3.88 -5.99
CA CYS A 320 13.36 5.14 -5.76
C CYS A 320 12.09 5.16 -6.60
N LEU A 321 11.24 6.16 -6.35
CA LEU A 321 9.91 6.21 -6.91
C LEU A 321 9.80 7.28 -7.99
N ARG A 322 9.00 6.99 -9.02
CA ARG A 322 8.69 7.94 -10.07
C ARG A 322 7.19 7.89 -10.31
N PHE A 323 6.50 8.99 -9.99
CA PHE A 323 5.04 9.03 -10.12
C PHE A 323 4.64 9.39 -11.55
N ASN A 324 4.98 10.59 -11.98
CA ASN A 324 4.73 11.03 -13.35
C ASN A 324 6.08 11.29 -14.02
N GLU A 325 6.09 12.13 -15.05
CA GLU A 325 7.31 12.37 -15.80
C GLU A 325 8.30 13.30 -15.08
N ILE A 326 7.88 13.97 -14.01
CA ILE A 326 8.71 14.98 -13.40
C ILE A 326 8.86 14.79 -11.89
N PHE A 327 7.87 14.16 -11.26
CA PHE A 327 7.93 13.95 -9.81
C PHE A 327 8.74 12.69 -9.51
N ASN A 328 9.87 12.86 -8.83
CA ASN A 328 10.74 11.78 -8.41
C ASN A 328 10.95 11.86 -6.90
N LYS A 329 11.24 10.71 -6.30
CA LYS A 329 11.35 10.65 -4.85
C LYS A 329 12.20 9.45 -4.46
N CYS A 330 13.23 9.71 -3.66
CA CYS A 330 13.90 8.68 -2.88
C CYS A 330 13.49 8.86 -1.43
N LEU A 331 13.72 7.83 -0.62
CA LEU A 331 13.30 7.87 0.76
C LEU A 331 14.26 8.73 1.59
N ALA A 332 13.82 9.06 2.81
CA ALA A 332 14.57 9.96 3.67
C ALA A 332 15.97 9.42 3.95
N GLY A 333 16.84 10.32 4.40
CA GLY A 333 18.22 9.96 4.63
C GLY A 333 18.43 8.88 5.68
N SER A 334 17.47 8.72 6.59
CA SER A 334 17.63 7.72 7.64
C SER A 334 17.25 6.31 7.18
N LYS A 335 16.86 6.13 5.93
CA LYS A 335 16.50 4.83 5.40
C LYS A 335 17.66 4.31 4.57
N GLY A 336 18.21 3.17 4.96
CA GLY A 336 19.36 2.60 4.31
C GLY A 336 20.66 2.80 5.05
N ARG A 337 20.63 2.81 6.38
CA ARG A 337 21.85 2.98 7.14
C ARG A 337 22.80 1.81 6.91
N ILE A 338 24.10 2.11 6.91
CA ILE A 338 25.11 1.06 6.96
C ILE A 338 25.08 0.43 8.34
N HIS A 339 25.04 -0.90 8.39
CA HIS A 339 24.99 -1.55 9.70
C HIS A 339 26.39 -1.76 10.25
N PRO A 340 26.54 -1.81 11.58
CA PRO A 340 27.83 -2.21 12.14
C PRO A 340 28.13 -3.67 11.83
N GLU A 341 29.43 -3.96 11.75
CA GLU A 341 29.86 -5.35 11.63
C GLU A 341 29.60 -6.07 12.95
N VAL A 342 29.06 -7.26 12.87
CA VAL A 342 28.66 -8.04 14.04
C VAL A 342 29.40 -9.38 14.00
N ASP A 343 29.85 -9.82 15.18
CA ASP A 343 30.64 -11.04 15.28
C ASP A 343 29.89 -12.20 14.64
N PRO A 344 30.48 -12.88 13.65
CA PRO A 344 29.75 -13.97 12.97
C PRO A 344 29.17 -15.01 13.91
N SER A 345 29.86 -15.34 15.00
CA SER A 345 29.34 -16.35 15.91
C SER A 345 28.01 -15.92 16.50
N VAL A 346 27.87 -14.63 16.81
CA VAL A 346 26.61 -14.14 17.35
C VAL A 346 25.51 -14.20 16.30
N ILE A 347 25.83 -13.82 15.05
CA ILE A 347 24.84 -13.93 13.99
C ILE A 347 24.39 -15.38 13.84
N THR A 348 25.32 -16.32 13.97
CA THR A 348 24.94 -17.73 13.88
C THR A 348 24.02 -18.13 15.02
N LYS A 349 24.30 -17.63 16.23
CA LYS A 349 23.47 -17.98 17.37
C LYS A 349 22.06 -17.43 17.21
N LEU A 350 21.93 -16.25 16.61
CA LEU A 350 20.61 -15.66 16.41
C LEU A 350 19.83 -16.36 15.31
N ARG A 351 20.51 -16.70 14.20
CA ARG A 351 19.84 -17.45 13.14
C ARG A 351 19.32 -18.78 13.66
N LYS A 352 20.16 -19.51 14.40
CA LYS A 352 19.70 -20.76 14.99
C LYS A 352 18.60 -20.52 16.01
N PHE A 353 18.57 -19.34 16.62
CA PHE A 353 17.55 -19.05 17.61
C PHE A 353 16.21 -18.76 16.95
N PHE A 354 16.19 -17.97 15.88
CA PHE A 354 14.95 -17.59 15.24
C PHE A 354 14.33 -18.71 14.40
N HIS A 355 15.11 -19.71 14.01
CA HIS A 355 14.67 -20.68 13.02
C HIS A 355 13.30 -21.29 13.34
N PRO A 356 13.09 -21.90 14.51
CA PRO A 356 11.78 -22.52 14.76
C PRO A 356 10.64 -21.51 14.76
N PHE A 357 10.90 -20.26 15.17
CA PHE A 357 9.86 -19.23 15.10
C PHE A 357 9.57 -18.85 13.66
N ASN A 358 10.60 -18.80 12.82
CA ASN A 358 10.39 -18.56 11.40
C ASN A 358 9.47 -19.61 10.81
N GLN A 359 9.75 -20.88 11.09
CA GLN A 359 8.94 -21.95 10.54
C GLN A 359 7.48 -21.81 10.95
N LYS A 360 7.23 -21.56 12.24
CA LYS A 360 5.86 -21.32 12.69
C LYS A 360 5.24 -20.13 11.97
N PHE A 361 6.04 -19.11 11.70
CA PHE A 361 5.54 -17.95 10.97
C PHE A 361 5.12 -18.32 9.55
N TYR A 362 5.95 -19.12 8.86
CA TYR A 362 5.58 -19.56 7.51
C TYR A 362 4.29 -20.37 7.54
N GLN A 363 4.13 -21.24 8.53
CA GLN A 363 2.96 -22.11 8.57
C GLN A 363 1.69 -21.30 8.73
N ILE A 364 1.69 -20.33 9.65
CA ILE A 364 0.48 -19.57 9.96
C ILE A 364 0.10 -18.68 8.78
N THR A 365 1.07 -17.94 8.26
CA THR A 365 0.79 -16.96 7.21
C THR A 365 0.64 -17.60 5.85
N GLY A 366 1.24 -18.75 5.63
CA GLY A 366 1.27 -19.36 4.32
C GLY A 366 2.30 -18.78 3.38
N ARG A 367 3.12 -17.84 3.84
CA ARG A 367 4.21 -17.29 3.07
C ARG A 367 5.54 -17.78 3.66
N THR A 368 6.32 -18.46 2.85
CA THR A 368 7.65 -18.91 3.22
C THR A 368 8.64 -17.90 2.68
N LEU A 369 9.39 -17.27 3.58
CA LEU A 369 10.26 -16.15 3.21
C LEU A 369 11.73 -16.54 3.11
N ASN A 370 12.06 -17.81 3.36
CA ASN A 370 13.39 -18.33 3.03
C ASN A 370 14.49 -17.54 3.72
N TRP A 371 14.27 -17.22 4.99
CA TRP A 371 15.34 -16.81 5.86
C TRP A 371 16.11 -18.04 6.29
N PRO A 372 17.23 -17.86 7.01
CA PRO A 372 17.73 -19.04 7.72
C PRO A 372 16.79 -19.42 8.86
#